data_3MGN
#
_entry.id   3MGN
#
_cell.length_a   51.920
_cell.length_b   30.791
_cell.length_c   132.802
_cell.angle_alpha   90.000
_cell.angle_beta   91.690
_cell.angle_gamma   90.000
#
_symmetry.space_group_name_H-M   'P 1 21 1'
#
loop_
_entity.id
_entity.type
_entity.pdbx_description
1 polymer IQN17
2 polymer 'D-PEPTIDE INHIBITOR PIE71'
3 water water
#
loop_
_entity_poly.entity_id
_entity_poly.type
_entity_poly.pdbx_seq_one_letter_code
_entity_poly.pdbx_strand_id
1 'polypeptide(L)' (ACE)RMKQIEDKIEEIESKQKKIENEIARIKKLLQLTVWGIKQLQARIL(NH2) A,B,C,D,E,F
2 'polypeptide(L)'
;(ACE)(DLY)G(DPN)(DVA)(DCY)(DPR)(DPR)(DGL)(DTR)(DAR)(DTR)(DLE)(DCY)(DAS)(DLE)
(NH2)
;
G,H,I,J,K,L
#
# COMPACT_ATOMS: atom_id res chain seq x y z
N ARG A 2 25.44 -16.90 7.13
CA ARG A 2 25.04 -15.49 6.85
C ARG A 2 23.56 -15.38 6.48
N MET A 3 23.08 -16.35 5.70
CA MET A 3 21.68 -16.42 5.28
C MET A 3 20.74 -16.55 6.49
N LYS A 4 21.18 -17.33 7.49
CA LYS A 4 20.43 -17.50 8.75
C LYS A 4 20.35 -16.19 9.54
N GLN A 5 21.49 -15.49 9.66
CA GLN A 5 21.57 -14.22 10.38
C GLN A 5 20.65 -13.18 9.72
N ILE A 6 20.62 -13.20 8.40
CA ILE A 6 19.73 -12.37 7.58
C ILE A 6 18.26 -12.72 7.85
N GLU A 7 17.95 -14.02 7.86
CA GLU A 7 16.60 -14.51 8.09
C GLU A 7 16.08 -14.13 9.49
N ASP A 8 16.96 -14.21 10.48
CA ASP A 8 16.63 -13.80 11.85
C ASP A 8 16.36 -12.30 11.94
N LYS A 9 17.16 -11.50 11.23
CA LYS A 9 16.97 -10.05 11.18
C LYS A 9 15.66 -9.67 10.50
N ILE A 10 15.31 -10.41 9.44
CA ILE A 10 14.05 -10.20 8.73
C ILE A 10 12.86 -10.49 9.65
N GLU A 11 12.98 -11.55 10.45
CA GLU A 11 11.95 -11.94 11.42
C GLU A 11 11.73 -10.82 12.46
N GLU A 12 12.82 -10.20 12.89
CA GLU A 12 12.78 -9.08 13.84
C GLU A 12 12.17 -7.83 13.21
N ILE A 13 12.54 -7.55 11.96
CA ILE A 13 12.00 -6.40 11.22
C ILE A 13 10.49 -6.55 10.99
N GLU A 14 10.07 -7.73 10.53
CA GLU A 14 8.65 -8.02 10.27
C GLU A 14 7.79 -7.87 11.52
N SER A 15 8.28 -8.41 12.64
CA SER A 15 7.60 -8.32 13.93
C SER A 15 7.41 -6.86 14.35
N LYS A 16 8.47 -6.07 14.19
CA LYS A 16 8.41 -4.63 14.52
C LYS A 16 7.48 -3.89 13.57
N GLN A 17 7.46 -4.27 12.29
CA GLN A 17 6.55 -3.66 11.32
C GLN A 17 5.09 -3.91 11.70
N LYS A 18 4.79 -5.12 12.15
CA LYS A 18 3.44 -5.46 12.58
C LYS A 18 3.03 -4.63 13.81
N LYS A 19 3.97 -4.43 14.74
CA LYS A 19 3.76 -3.60 15.91
C LYS A 19 3.50 -2.14 15.52
N ILE A 20 4.32 -1.63 14.61
CA ILE A 20 4.17 -0.25 14.11
C ILE A 20 2.84 -0.05 13.38
N GLU A 21 2.43 -1.04 12.57
CA GLU A 21 1.15 -0.98 11.87
C GLU A 21 -0.02 -0.89 12.84
N ASN A 22 0.05 -1.68 13.91
CA ASN A 22 -1.00 -1.68 14.93
C ASN A 22 -1.02 -0.36 15.68
N GLU A 23 0.16 0.20 15.96
CA GLU A 23 0.22 1.46 16.66
C GLU A 23 -0.31 2.59 15.80
N ILE A 24 -0.03 2.56 14.49
CA ILE A 24 -0.57 3.52 13.55
C ILE A 24 -2.10 3.48 13.54
N ALA A 25 -2.66 2.28 13.54
CA ALA A 25 -4.12 2.12 13.53
C ALA A 25 -4.72 2.70 14.83
N ARG A 26 -4.07 2.48 15.95
CA ARG A 26 -4.50 3.02 17.24
C ARG A 26 -4.41 4.54 17.24
N ILE A 27 -3.28 5.07 16.76
CA ILE A 27 -3.10 6.52 16.67
C ILE A 27 -4.19 7.18 15.82
N LYS A 28 -4.52 6.57 14.70
CA LYS A 28 -5.53 7.12 13.81
C LYS A 28 -6.90 7.18 14.49
N LYS A 29 -7.23 6.15 15.25
CA LYS A 29 -8.52 6.13 15.93
C LYS A 29 -8.60 7.25 16.96
N LEU A 30 -7.52 7.41 17.74
CA LEU A 30 -7.52 8.44 18.76
C LEU A 30 -7.47 9.84 18.15
N LEU A 31 -6.72 9.97 17.08
CA LEU A 31 -6.67 11.23 16.38
C LEU A 31 -8.06 11.60 15.84
N GLN A 32 -8.82 10.63 15.33
CA GLN A 32 -10.18 10.88 14.84
C GLN A 32 -11.09 11.36 15.98
N LEU A 33 -10.89 10.77 17.15
CA LEU A 33 -11.64 11.22 18.31
C LEU A 33 -11.31 12.66 18.67
N THR A 34 -10.02 13.02 18.61
CA THR A 34 -9.67 14.40 18.97
C THR A 34 -10.24 15.40 17.94
N VAL A 35 -10.29 15.02 16.66
CA VAL A 35 -10.91 15.89 15.67
C VAL A 35 -12.41 16.12 16.01
N TRP A 36 -13.08 15.01 16.35
CA TRP A 36 -14.49 15.08 16.71
C TRP A 36 -14.71 15.95 17.95
N GLY A 37 -13.81 15.80 18.93
CA GLY A 37 -13.88 16.62 20.16
C GLY A 37 -13.74 18.09 19.87
N ILE A 38 -12.74 18.44 19.04
CA ILE A 38 -12.54 19.81 18.64
C ILE A 38 -13.76 20.41 17.93
N LYS A 39 -14.37 19.59 17.07
CA LYS A 39 -15.59 20.05 16.37
C LYS A 39 -16.72 20.38 17.37
N GLN A 40 -16.84 19.53 18.39
CA GLN A 40 -17.87 19.75 19.43
C GLN A 40 -17.59 21.01 20.21
N LEU A 41 -16.33 21.20 20.60
CA LEU A 41 -15.97 22.39 21.35
C LEU A 41 -16.18 23.67 20.57
N GLN A 42 -15.76 23.66 19.29
CA GLN A 42 -15.95 24.83 18.47
C GLN A 42 -17.41 25.21 18.30
N ALA A 43 -18.24 24.20 18.10
CA ALA A 43 -19.65 24.50 17.87
C ALA A 43 -20.25 25.15 19.12
N ARG A 44 -19.80 24.72 20.30
CA ARG A 44 -20.30 25.35 21.51
C ARG A 44 -19.77 26.77 21.70
N ILE A 45 -18.47 26.95 21.54
CA ILE A 45 -17.84 28.27 21.69
C ILE A 45 -18.44 29.30 20.72
N LEU A 46 -18.74 28.89 19.50
CA LEU A 46 -19.21 29.84 18.46
C LEU A 46 -20.68 30.18 18.50
N ARG B 2 16.93 -20.26 -1.42
CA ARG B 2 16.83 -19.69 -0.04
C ARG B 2 17.03 -18.18 -0.05
N MET B 3 18.00 -17.73 -0.85
CA MET B 3 18.28 -16.30 -1.01
C MET B 3 17.19 -15.57 -1.79
N LYS B 4 16.51 -16.30 -2.69
CA LYS B 4 15.37 -15.76 -3.41
C LYS B 4 14.22 -15.39 -2.47
N GLN B 5 13.85 -16.31 -1.59
CA GLN B 5 12.83 -16.05 -0.57
C GLN B 5 13.19 -14.82 0.29
N ILE B 6 14.49 -14.64 0.51
CA ILE B 6 15.00 -13.49 1.25
C ILE B 6 14.84 -12.19 0.45
N GLU B 7 15.29 -12.20 -0.80
CA GLU B 7 15.19 -11.04 -1.69
C GLU B 7 13.73 -10.62 -1.91
N ASP B 8 12.85 -11.62 -1.95
CA ASP B 8 11.41 -11.38 -2.08
C ASP B 8 10.82 -10.76 -0.80
N LYS B 9 11.28 -11.22 0.35
CA LYS B 9 10.84 -10.69 1.65
C LYS B 9 11.28 -9.25 1.85
N ILE B 10 12.48 -8.93 1.38
CA ILE B 10 13.01 -7.56 1.43
C ILE B 10 12.17 -6.62 0.57
N GLU B 11 11.75 -7.09 -0.61
CA GLU B 11 10.84 -6.35 -1.48
C GLU B 11 9.53 -6.02 -0.76
N GLU B 12 8.96 -7.01 -0.08
CA GLU B 12 7.70 -6.87 0.65
C GLU B 12 7.84 -5.94 1.85
N ILE B 13 8.98 -6.03 2.53
CA ILE B 13 9.30 -5.16 3.68
C ILE B 13 9.54 -3.71 3.26
N GLU B 14 10.25 -3.52 2.14
CA GLU B 14 10.56 -2.17 1.64
C GLU B 14 9.31 -1.39 1.20
N SER B 15 8.37 -2.08 0.57
CA SER B 15 7.12 -1.46 0.14
C SER B 15 6.20 -1.18 1.34
N LYS B 16 6.23 -2.08 2.32
CA LYS B 16 5.47 -1.91 3.56
C LYS B 16 6.02 -0.72 4.35
N GLN B 17 7.36 -0.59 4.38
CA GLN B 17 8.01 0.54 5.02
C GLN B 17 7.62 1.86 4.35
N LYS B 18 7.48 1.84 3.02
CA LYS B 18 7.05 3.02 2.27
C LYS B 18 5.62 3.39 2.62
N LYS B 19 4.76 2.38 2.77
CA LYS B 19 3.36 2.59 3.15
C LYS B 19 3.30 3.23 4.54
N ILE B 20 4.11 2.70 5.46
CA ILE B 20 4.18 3.21 6.83
C ILE B 20 4.64 4.67 6.85
N GLU B 21 5.70 4.99 6.13
CA GLU B 21 6.19 6.37 6.02
C GLU B 21 5.11 7.32 5.52
N ASN B 22 4.37 6.89 4.51
CA ASN B 22 3.30 7.71 3.95
C ASN B 22 2.19 7.96 4.98
N GLU B 23 1.86 6.93 5.74
CA GLU B 23 0.83 7.04 6.76
C GLU B 23 1.27 7.97 7.89
N ILE B 24 2.54 7.90 8.27
N ILE B 24 2.54 7.88 8.29
CA ILE B 24 3.06 8.73 9.34
CA ILE B 24 3.09 8.76 9.34
C ILE B 24 3.10 10.20 8.92
C ILE B 24 3.02 10.21 8.90
N ALA B 25 3.40 10.47 7.65
CA ALA B 25 3.35 11.83 7.10
C ALA B 25 1.92 12.41 7.17
N ARG B 26 0.93 11.58 6.89
N ARG B 26 0.94 11.57 6.86
CA ARG B 26 -0.47 12.02 6.91
CA ARG B 26 -0.47 11.93 6.91
C ARG B 26 -0.96 12.23 8.34
C ARG B 26 -0.84 12.29 8.35
N ILE B 27 -0.54 11.38 9.27
CA ILE B 27 -0.86 11.55 10.68
C ILE B 27 -0.24 12.82 11.21
N LYS B 28 0.98 13.13 10.81
CA LYS B 28 1.64 14.34 11.29
C LYS B 28 0.91 15.59 10.82
N LYS B 29 0.46 15.62 9.58
CA LYS B 29 -0.31 16.75 9.09
C LYS B 29 -1.63 16.94 9.85
N LEU B 30 -2.36 15.85 10.08
CA LEU B 30 -3.60 15.94 10.83
C LEU B 30 -3.33 16.34 12.28
N LEU B 31 -2.30 15.81 12.90
CA LEU B 31 -1.94 16.26 14.24
C LEU B 31 -1.60 17.75 14.27
N GLN B 32 -0.87 18.25 13.26
CA GLN B 32 -0.57 19.68 13.18
C GLN B 32 -1.85 20.51 13.09
N LEU B 33 -2.82 19.98 12.34
CA LEU B 33 -4.12 20.64 12.25
C LEU B 33 -4.84 20.67 13.58
N THR B 34 -4.82 19.56 14.33
CA THR B 34 -5.55 19.57 15.57
C THR B 34 -4.90 20.49 16.59
N VAL B 35 -3.56 20.60 16.56
CA VAL B 35 -2.87 21.48 17.47
C VAL B 35 -3.22 22.95 17.15
N TRP B 36 -3.25 23.23 15.83
CA TRP B 36 -3.69 24.54 15.37
C TRP B 36 -5.12 24.84 15.88
N GLY B 37 -6.02 23.87 15.73
CA GLY B 37 -7.44 24.10 16.16
C GLY B 37 -7.55 24.33 17.67
N ILE B 38 -6.80 23.60 18.48
CA ILE B 38 -6.75 23.82 19.91
C ILE B 38 -6.27 25.21 20.25
N LYS B 39 -5.20 25.65 19.54
CA LYS B 39 -4.70 26.96 19.81
C LYS B 39 -5.78 28.02 19.53
N GLN B 40 -6.55 27.82 18.45
CA GLN B 40 -7.58 28.82 18.09
C GLN B 40 -8.66 28.82 19.15
N LEU B 41 -9.09 27.64 19.62
CA LEU B 41 -10.16 27.56 20.62
C LEU B 41 -9.74 28.20 21.92
N GLN B 42 -8.51 27.92 22.35
CA GLN B 42 -8.03 28.50 23.59
C GLN B 42 -7.90 30.01 23.48
N ALA B 43 -7.39 30.50 22.33
CA ALA B 43 -7.21 31.94 22.17
C ALA B 43 -8.55 32.63 22.26
N ARG B 44 -9.57 32.00 21.70
CA ARG B 44 -10.91 32.60 21.68
C ARG B 44 -11.49 32.69 23.08
N ILE B 45 -11.34 31.66 23.89
CA ILE B 45 -11.99 31.70 25.21
C ILE B 45 -11.20 32.55 26.19
N LEU B 46 -9.89 32.68 25.99
CA LEU B 46 -9.07 33.40 26.96
C LEU B 46 -8.98 34.86 26.58
N ARG C 2 25.13 -10.84 -3.84
CA ARG C 2 23.85 -11.45 -3.33
C ARG C 2 23.69 -11.31 -1.81
N MET C 3 24.48 -12.06 -1.04
CA MET C 3 24.38 -12.05 0.42
C MET C 3 24.83 -10.74 1.06
N LYS C 4 25.86 -10.11 0.50
CA LYS C 4 26.33 -8.82 0.99
C LYS C 4 25.36 -7.71 0.58
N GLN C 5 24.82 -7.84 -0.63
CA GLN C 5 23.78 -6.96 -1.16
C GLN C 5 22.53 -6.98 -0.27
N ILE C 6 22.15 -8.18 0.16
CA ILE C 6 21.04 -8.38 1.09
C ILE C 6 21.34 -7.76 2.45
N GLU C 7 22.55 -7.99 2.95
CA GLU C 7 23.00 -7.48 4.25
C GLU C 7 22.98 -5.95 4.32
N ASP C 8 23.33 -5.30 3.21
CA ASP C 8 23.31 -3.84 3.12
C ASP C 8 21.90 -3.28 3.11
N LYS C 9 21.00 -3.94 2.38
CA LYS C 9 19.60 -3.53 2.31
C LYS C 9 18.92 -3.66 3.67
N ILE C 10 19.27 -4.72 4.42
CA ILE C 10 18.74 -4.93 5.76
C ILE C 10 19.18 -3.83 6.73
N GLU C 11 20.46 -3.44 6.65
CA GLU C 11 21.00 -2.37 7.46
C GLU C 11 20.28 -1.05 7.20
N GLU C 12 20.03 -0.76 5.92
CA GLU C 12 19.29 0.44 5.50
C GLU C 12 17.84 0.38 6.00
N ILE C 13 17.22 -0.79 5.92
CA ILE C 13 15.86 -1.01 6.41
C ILE C 13 15.79 -0.78 7.93
N GLU C 14 16.72 -1.38 8.67
CA GLU C 14 16.79 -1.24 10.13
C GLU C 14 16.93 0.21 10.60
N SER C 15 17.72 1.00 9.87
CA SER C 15 17.93 2.40 10.20
C SER C 15 16.67 3.23 9.95
N LYS C 16 15.98 2.95 8.85
CA LYS C 16 14.69 3.60 8.57
C LYS C 16 13.65 3.19 9.60
N GLN C 17 13.66 1.92 10.02
CA GLN C 17 12.77 1.42 11.07
C GLN C 17 12.94 2.17 12.38
N LYS C 18 14.19 2.42 12.77
CA LYS C 18 14.47 3.16 13.99
C LYS C 18 13.91 4.58 13.90
N LYS C 19 14.11 5.23 12.76
CA LYS C 19 13.61 6.59 12.52
C LYS C 19 12.09 6.63 12.64
N ILE C 20 11.44 5.60 12.10
CA ILE C 20 9.98 5.46 12.18
C ILE C 20 9.52 5.28 13.63
N GLU C 21 10.20 4.42 14.36
CA GLU C 21 9.88 4.17 15.76
C GLU C 21 9.99 5.47 16.56
N ASN C 22 11.04 6.24 16.30
CA ASN C 22 11.24 7.51 16.97
C ASN C 22 10.14 8.51 16.65
N GLU C 23 9.75 8.56 15.38
CA GLU C 23 8.67 9.45 14.98
C GLU C 23 7.32 9.06 15.59
N ILE C 24 7.02 7.76 15.62
CA ILE C 24 5.80 7.27 16.30
C ILE C 24 5.80 7.68 17.78
N ALA C 25 6.92 7.52 18.46
CA ALA C 25 7.04 7.93 19.85
C ALA C 25 6.75 9.41 20.01
N ARG C 26 7.30 10.22 19.11
CA ARG C 26 7.07 11.67 19.16
C ARG C 26 5.61 12.01 18.94
N ILE C 27 5.00 11.39 17.92
CA ILE C 27 3.58 11.57 17.63
C ILE C 27 2.71 11.23 18.82
N LYS C 28 3.00 10.10 19.48
CA LYS C 28 2.18 9.68 20.62
C LYS C 28 2.24 10.69 21.75
N LYS C 29 3.42 11.23 22.04
CA LYS C 29 3.55 12.23 23.11
C LYS C 29 2.74 13.49 22.81
N LEU C 30 2.79 13.94 21.56
CA LEU C 30 2.05 15.15 21.21
C LEU C 30 0.55 14.90 21.16
N LEU C 31 0.16 13.73 20.64
CA LEU C 31 -1.27 13.37 20.69
C LEU C 31 -1.79 13.32 22.12
N GLN C 32 -0.98 12.82 23.05
CA GLN C 32 -1.40 12.86 24.44
C GLN C 32 -1.59 14.29 24.96
N LEU C 33 -0.73 15.21 24.55
CA LEU C 33 -0.91 16.60 24.99
C LEU C 33 -2.18 17.19 24.40
N THR C 34 -2.48 16.86 23.14
CA THR C 34 -3.70 17.41 22.55
C THR C 34 -4.97 16.88 23.21
N VAL C 35 -4.95 15.59 23.57
CA VAL C 35 -6.04 14.99 24.35
C VAL C 35 -6.21 15.76 25.66
N TRP C 36 -5.10 15.99 26.37
CA TRP C 36 -5.14 16.73 27.61
C TRP C 36 -5.65 18.17 27.42
N GLY C 37 -5.19 18.83 26.37
CA GLY C 37 -5.64 20.21 26.14
C GLY C 37 -7.13 20.26 25.86
N ILE C 38 -7.64 19.32 25.04
CA ILE C 38 -9.10 19.22 24.84
C ILE C 38 -9.86 19.00 26.15
N LYS C 39 -9.30 18.17 27.04
CA LYS C 39 -9.96 17.89 28.32
C LYS C 39 -10.10 19.18 29.14
N GLN C 40 -9.07 20.00 29.11
CA GLN C 40 -9.08 21.24 29.91
C GLN C 40 -10.08 22.22 29.30
N LEU C 41 -10.05 22.35 27.97
CA LEU C 41 -10.96 23.29 27.30
C LEU C 41 -12.43 22.92 27.54
N GLN C 42 -12.76 21.63 27.41
CA GLN C 42 -14.13 21.17 27.61
C GLN C 42 -14.67 21.55 29.01
N ALA C 43 -13.88 21.23 30.02
CA ALA C 43 -14.33 21.53 31.38
C ALA C 43 -14.48 23.02 31.60
N ARG C 44 -13.56 23.81 31.07
CA ARG C 44 -13.63 25.25 31.28
C ARG C 44 -14.85 25.87 30.59
N ILE C 45 -15.22 25.41 29.39
N ILE C 45 -15.16 25.38 29.41
CA ILE C 45 -16.37 26.03 28.74
CA ILE C 45 -16.28 25.89 28.63
C ILE C 45 -17.71 25.48 29.21
C ILE C 45 -17.60 25.51 29.32
N LEU C 46 -17.72 24.25 29.73
CA LEU C 46 -18.98 23.70 30.29
C LEU C 46 -19.37 24.30 31.62
N ARG D 2 -5.37 24.08 -2.48
CA ARG D 2 -6.11 22.79 -2.69
C ARG D 2 -5.99 22.26 -4.12
N MET D 3 -6.24 23.11 -5.12
CA MET D 3 -6.20 22.66 -6.49
C MET D 3 -4.82 22.16 -6.91
N LYS D 4 -3.77 22.82 -6.39
CA LYS D 4 -2.39 22.46 -6.70
C LYS D 4 -2.03 21.11 -6.07
N GLN D 5 -2.52 20.87 -4.86
N GLN D 5 -2.51 20.88 -4.85
CA GLN D 5 -2.28 19.59 -4.21
CA GLN D 5 -2.32 19.60 -4.17
C GLN D 5 -3.04 18.47 -4.93
C GLN D 5 -3.05 18.47 -4.91
N ILE D 6 -4.24 18.77 -5.42
CA ILE D 6 -5.04 17.81 -6.21
C ILE D 6 -4.36 17.46 -7.53
N GLU D 7 -3.83 18.47 -8.20
CA GLU D 7 -3.11 18.27 -9.45
C GLU D 7 -1.86 17.44 -9.22
N ASP D 8 -1.21 17.66 -8.08
CA ASP D 8 -0.05 16.86 -7.68
C ASP D 8 -0.45 15.40 -7.47
N LYS D 9 -1.60 15.21 -6.82
CA LYS D 9 -2.15 13.88 -6.55
C LYS D 9 -2.53 13.17 -7.85
N ILE D 10 -3.17 13.87 -8.78
CA ILE D 10 -3.50 13.33 -10.10
C ILE D 10 -2.24 12.83 -10.82
N GLU D 11 -1.18 13.63 -10.78
CA GLU D 11 0.12 13.25 -11.37
C GLU D 11 0.67 11.97 -10.76
N GLU D 12 0.52 11.84 -9.45
CA GLU D 12 0.96 10.65 -8.69
C GLU D 12 0.14 9.42 -9.06
N ILE D 13 -1.17 9.58 -9.24
CA ILE D 13 -2.05 8.49 -9.63
C ILE D 13 -1.77 8.03 -11.06
N GLU D 14 -1.55 8.98 -11.96
CA GLU D 14 -1.22 8.71 -13.36
C GLU D 14 0.10 7.97 -13.47
N SER D 15 1.06 8.30 -12.61
CA SER D 15 2.34 7.60 -12.57
C SER D 15 2.17 6.16 -12.09
N LYS D 16 1.35 5.97 -11.05
CA LYS D 16 1.07 4.64 -10.53
C LYS D 16 0.34 3.76 -11.54
N GLN D 17 -0.54 4.38 -12.33
CA GLN D 17 -1.29 3.67 -13.37
C GLN D 17 -0.37 3.21 -14.51
N LYS D 18 0.59 4.06 -14.86
CA LYS D 18 1.59 3.70 -15.88
C LYS D 18 2.47 2.53 -15.42
N LYS D 19 2.80 2.51 -14.14
CA LYS D 19 3.55 1.41 -13.52
C LYS D 19 2.75 0.11 -13.57
N ILE D 20 1.47 0.19 -13.19
CA ILE D 20 0.55 -0.95 -13.23
C ILE D 20 0.40 -1.48 -14.66
N GLU D 21 0.28 -0.56 -15.62
CA GLU D 21 0.24 -0.92 -17.05
C GLU D 21 1.48 -1.71 -17.48
N ASN D 22 2.66 -1.23 -17.10
CA ASN D 22 3.91 -1.93 -17.41
C ASN D 22 4.01 -3.30 -16.75
N GLU D 23 3.56 -3.40 -15.51
CA GLU D 23 3.56 -4.67 -14.77
C GLU D 23 2.62 -5.68 -15.41
N ILE D 24 1.46 -5.20 -15.88
CA ILE D 24 0.49 -6.03 -16.60
C ILE D 24 1.12 -6.59 -17.89
N ALA D 25 1.84 -5.74 -18.62
CA ALA D 25 2.52 -6.16 -19.84
C ALA D 25 3.58 -7.22 -19.53
N ARG D 26 4.21 -7.09 -18.37
CA ARG D 26 5.23 -8.02 -17.91
C ARG D 26 4.61 -9.38 -17.54
N ILE D 27 3.49 -9.35 -16.84
CA ILE D 27 2.74 -10.56 -16.48
C ILE D 27 2.33 -11.33 -17.74
N LYS D 28 1.78 -10.62 -18.72
CA LYS D 28 1.32 -11.23 -19.96
C LYS D 28 2.44 -11.88 -20.77
N LYS D 29 3.62 -11.24 -20.81
CA LYS D 29 4.78 -11.82 -21.48
C LYS D 29 5.23 -13.14 -20.85
N LEU D 30 5.24 -13.21 -19.52
CA LEU D 30 5.60 -14.44 -18.80
C LEU D 30 4.52 -15.51 -18.93
N LEU D 31 3.26 -15.08 -18.92
CA LEU D 31 2.14 -16.00 -19.11
C LEU D 31 2.21 -16.63 -20.49
N GLN D 32 2.61 -15.86 -21.50
CA GLN D 32 2.78 -16.39 -22.85
C GLN D 32 3.93 -17.41 -22.93
N LEU D 33 4.97 -17.20 -22.12
CA LEU D 33 6.05 -18.18 -22.04
C LEU D 33 5.57 -19.48 -21.41
N THR D 34 4.79 -19.41 -20.34
CA THR D 34 4.25 -20.63 -19.69
C THR D 34 3.29 -21.42 -20.58
N VAL D 35 2.52 -20.72 -21.39
CA VAL D 35 1.64 -21.35 -22.38
C VAL D 35 2.48 -22.16 -23.37
N TRP D 36 3.55 -21.53 -23.85
CA TRP D 36 4.50 -22.12 -24.79
C TRP D 36 5.19 -23.31 -24.12
N GLY D 37 5.50 -23.19 -22.82
CA GLY D 37 6.13 -24.29 -22.09
C GLY D 37 5.19 -25.49 -22.01
N ILE D 38 3.96 -25.25 -21.61
CA ILE D 38 2.93 -26.28 -21.52
C ILE D 38 2.73 -26.95 -22.88
N LYS D 39 2.73 -26.15 -23.95
CA LYS D 39 2.51 -26.69 -25.29
C LYS D 39 3.63 -27.64 -25.67
N GLN D 40 4.86 -27.23 -25.38
CA GLN D 40 6.03 -28.06 -25.64
C GLN D 40 6.01 -29.34 -24.81
N LEU D 41 5.67 -29.24 -23.53
CA LEU D 41 5.58 -30.44 -22.66
C LEU D 41 4.56 -31.42 -23.20
N GLN D 42 3.39 -30.93 -23.57
CA GLN D 42 2.33 -31.78 -24.03
C GLN D 42 2.75 -32.49 -25.30
N ALA D 43 3.36 -31.75 -26.22
CA ALA D 43 3.79 -32.31 -27.51
C ALA D 43 4.81 -33.41 -27.27
N ARG D 44 5.71 -33.21 -26.31
CA ARG D 44 6.74 -34.22 -26.02
C ARG D 44 6.13 -35.50 -25.48
N ILE D 45 5.20 -35.39 -24.54
CA ILE D 45 4.64 -36.60 -23.92
C ILE D 45 3.64 -37.33 -24.80
N LEU D 46 2.94 -36.60 -25.65
CA LEU D 46 1.97 -37.22 -26.56
C LEU D 46 2.67 -37.85 -27.75
N ARG E 2 -9.42 25.41 -14.47
CA ARG E 2 -8.64 24.31 -13.81
C ARG E 2 -9.55 23.22 -13.30
N MET E 3 -10.72 23.60 -12.83
N MET E 3 -10.71 23.60 -12.80
CA MET E 3 -11.66 22.68 -12.23
CA MET E 3 -11.65 22.65 -12.22
C MET E 3 -12.18 21.69 -13.27
C MET E 3 -12.17 21.68 -13.27
N LYS E 4 -12.50 22.20 -14.45
CA LYS E 4 -12.91 21.37 -15.57
C LYS E 4 -11.78 20.40 -15.98
N GLN E 5 -10.55 20.92 -16.08
CA GLN E 5 -9.40 20.13 -16.48
C GLN E 5 -9.18 18.99 -15.47
N ILE E 6 -9.28 19.33 -14.20
CA ILE E 6 -9.15 18.36 -13.10
C ILE E 6 -10.23 17.29 -13.17
N GLU E 7 -11.49 17.72 -13.38
CA GLU E 7 -12.62 16.80 -13.53
C GLU E 7 -12.43 15.84 -14.72
N ASP E 8 -11.97 16.37 -15.85
CA ASP E 8 -11.69 15.57 -17.04
C ASP E 8 -10.55 14.56 -16.79
N LYS E 9 -9.50 14.98 -16.07
CA LYS E 9 -8.39 14.06 -15.76
C LYS E 9 -8.79 12.95 -14.80
N ILE E 10 -9.64 13.28 -13.84
CA ILE E 10 -10.15 12.28 -12.89
C ILE E 10 -11.01 11.25 -13.63
N GLU E 11 -11.78 11.71 -14.61
CA GLU E 11 -12.59 10.81 -15.44
C GLU E 11 -11.72 9.86 -16.26
N GLU E 12 -10.66 10.40 -16.85
CA GLU E 12 -9.66 9.64 -17.61
C GLU E 12 -9.00 8.56 -16.74
N ILE E 13 -8.65 8.94 -15.50
CA ILE E 13 -8.06 8.03 -14.52
C ILE E 13 -9.03 6.90 -14.17
N GLU E 14 -10.30 7.26 -14.01
CA GLU E 14 -11.35 6.29 -13.69
C GLU E 14 -11.58 5.30 -14.83
N SER E 15 -11.55 5.80 -16.06
CA SER E 15 -11.71 4.97 -17.26
C SER E 15 -10.53 4.01 -17.47
N LYS E 16 -9.32 4.48 -17.17
CA LYS E 16 -8.13 3.64 -17.26
C LYS E 16 -8.16 2.51 -16.24
N GLN E 17 -8.79 2.77 -15.10
CA GLN E 17 -8.99 1.74 -14.07
C GLN E 17 -9.93 0.64 -14.56
N LYS E 18 -10.92 1.01 -15.36
CA LYS E 18 -11.84 0.06 -16.00
C LYS E 18 -11.12 -0.85 -16.97
N LYS E 19 -10.14 -0.30 -17.67
CA LYS E 19 -9.31 -1.03 -18.63
C LYS E 19 -8.34 -1.95 -17.89
N ILE E 20 -7.74 -1.45 -16.82
CA ILE E 20 -6.80 -2.22 -16.00
C ILE E 20 -7.48 -3.43 -15.35
N GLU E 21 -8.65 -3.19 -14.75
CA GLU E 21 -9.45 -4.27 -14.15
C GLU E 21 -9.84 -5.33 -15.17
N ASN E 22 -10.20 -4.88 -16.37
CA ASN E 22 -10.60 -5.76 -17.46
C ASN E 22 -9.47 -6.66 -17.96
N GLU E 23 -8.26 -6.11 -17.98
CA GLU E 23 -7.07 -6.85 -18.38
C GLU E 23 -6.71 -7.90 -17.33
N ILE E 24 -6.91 -7.54 -16.07
CA ILE E 24 -6.68 -8.44 -14.94
C ILE E 24 -7.62 -9.64 -15.02
N ALA E 25 -8.89 -9.39 -15.34
CA ALA E 25 -9.88 -10.45 -15.54
C ALA E 25 -9.50 -11.38 -16.70
N ARG E 26 -8.93 -10.80 -17.76
CA ARG E 26 -8.46 -11.56 -18.92
C ARG E 26 -7.27 -12.45 -18.58
N ILE E 27 -6.30 -11.87 -17.87
CA ILE E 27 -5.12 -12.60 -17.40
C ILE E 27 -5.52 -13.80 -16.53
N LYS E 28 -6.47 -13.58 -15.64
CA LYS E 28 -6.94 -14.62 -14.72
C LYS E 28 -7.59 -15.81 -15.43
N LYS E 29 -8.32 -15.54 -16.51
CA LYS E 29 -8.95 -16.59 -17.30
C LYS E 29 -7.90 -17.48 -17.98
N LEU E 30 -6.91 -16.86 -18.62
CA LEU E 30 -5.83 -17.60 -19.27
C LEU E 30 -4.97 -18.34 -18.25
N LEU E 31 -4.71 -17.70 -17.11
CA LEU E 31 -3.95 -18.32 -16.02
C LEU E 31 -4.68 -19.55 -15.47
N GLN E 32 -6.01 -19.51 -15.44
CA GLN E 32 -6.79 -20.67 -15.00
C GLN E 32 -6.73 -21.82 -16.02
N LEU E 33 -6.67 -21.48 -17.31
CA LEU E 33 -6.43 -22.47 -18.35
C LEU E 33 -5.08 -23.17 -18.20
N THR E 34 -4.03 -22.40 -17.93
CA THR E 34 -2.69 -22.96 -17.72
C THR E 34 -2.62 -23.86 -16.48
N VAL E 35 -3.33 -23.49 -15.42
CA VAL E 35 -3.38 -24.32 -14.21
C VAL E 35 -4.06 -25.65 -14.52
N TRP E 36 -5.14 -25.59 -15.28
CA TRP E 36 -5.84 -26.78 -15.76
C TRP E 36 -4.93 -27.63 -16.65
N GLY E 37 -4.21 -26.98 -17.57
CA GLY E 37 -3.23 -27.66 -18.42
C GLY E 37 -2.16 -28.37 -17.63
N ILE E 38 -1.56 -27.68 -16.66
CA ILE E 38 -0.58 -28.26 -15.76
C ILE E 38 -1.19 -29.45 -15.00
N LYS E 39 -2.43 -29.28 -14.54
CA LYS E 39 -3.12 -30.35 -13.81
C LYS E 39 -3.29 -31.61 -14.66
N GLN E 40 -3.59 -31.41 -15.94
CA GLN E 40 -3.76 -32.51 -16.90
C GLN E 40 -2.43 -33.21 -17.18
N LEU E 41 -1.38 -32.43 -17.41
CA LEU E 41 -0.06 -32.98 -17.65
C LEU E 41 0.43 -33.79 -16.45
N GLN E 42 0.25 -33.24 -15.25
CA GLN E 42 0.67 -33.94 -14.04
C GLN E 42 -0.08 -35.25 -13.84
N ALA E 43 -1.39 -35.23 -14.09
CA ALA E 43 -2.21 -36.42 -13.95
C ALA E 43 -1.74 -37.51 -14.89
N ARG E 44 -1.38 -37.12 -16.11
CA ARG E 44 -0.90 -38.05 -17.13
C ARG E 44 0.46 -38.65 -16.76
N ILE E 45 1.42 -37.80 -16.38
CA ILE E 45 2.78 -38.28 -16.12
C ILE E 45 2.99 -38.96 -14.77
N LEU E 46 2.07 -38.75 -13.82
CA LEU E 46 2.12 -39.48 -12.55
C LEU E 46 1.32 -40.78 -12.64
N ARG F 2 -16.63 21.74 -5.68
CA ARG F 2 -16.25 20.78 -6.74
C ARG F 2 -14.93 20.10 -6.41
N MET F 3 -14.03 20.83 -5.75
CA MET F 3 -12.70 20.31 -5.42
C MET F 3 -12.72 19.37 -4.22
N LYS F 4 -13.63 19.62 -3.29
CA LYS F 4 -13.90 18.67 -2.20
C LYS F 4 -14.44 17.36 -2.76
N GLN F 5 -15.37 17.45 -3.71
CA GLN F 5 -15.92 16.27 -4.38
C GLN F 5 -14.85 15.46 -5.12
N ILE F 6 -13.87 16.14 -5.70
CA ILE F 6 -12.75 15.47 -6.39
C ILE F 6 -11.86 14.73 -5.39
N GLU F 7 -11.68 15.32 -4.22
CA GLU F 7 -10.91 14.68 -3.14
C GLU F 7 -11.60 13.39 -2.70
N ASP F 8 -12.93 13.40 -2.73
CA ASP F 8 -13.75 12.22 -2.47
C ASP F 8 -13.49 11.13 -3.53
N LYS F 9 -13.55 11.52 -4.79
CA LYS F 9 -13.33 10.59 -5.91
C LYS F 9 -11.92 10.02 -5.90
N ILE F 10 -10.94 10.85 -5.59
CA ILE F 10 -9.55 10.40 -5.44
C ILE F 10 -9.44 9.29 -4.39
N GLU F 11 -10.20 9.42 -3.30
CA GLU F 11 -10.25 8.39 -2.27
C GLU F 11 -10.78 7.06 -2.83
N GLU F 12 -11.78 7.14 -3.70
CA GLU F 12 -12.35 5.97 -4.38
C GLU F 12 -11.35 5.34 -5.34
N ILE F 13 -10.57 6.20 -6.00
CA ILE F 13 -9.57 5.76 -6.97
C ILE F 13 -8.38 5.09 -6.28
N GLU F 14 -7.83 5.75 -5.26
CA GLU F 14 -6.70 5.19 -4.51
C GLU F 14 -7.09 3.90 -3.77
N SER F 15 -8.37 3.78 -3.43
CA SER F 15 -8.92 2.57 -2.84
C SER F 15 -8.91 1.43 -3.84
N LYS F 16 -9.33 1.72 -5.07
CA LYS F 16 -9.31 0.76 -6.16
C LYS F 16 -7.89 0.39 -6.58
N GLN F 17 -6.97 1.36 -6.48
CA GLN F 17 -5.56 1.12 -6.78
C GLN F 17 -4.92 0.16 -5.80
N LYS F 18 -5.31 0.27 -4.52
CA LYS F 18 -4.88 -0.67 -3.48
C LYS F 18 -5.32 -2.09 -3.82
N LYS F 19 -6.59 -2.22 -4.22
CA LYS F 19 -7.18 -3.51 -4.59
C LYS F 19 -6.53 -4.11 -5.83
N ILE F 20 -6.29 -3.27 -6.84
CA ILE F 20 -5.66 -3.69 -8.10
C ILE F 20 -4.22 -4.16 -7.87
N GLU F 21 -3.49 -3.43 -7.03
CA GLU F 21 -2.11 -3.77 -6.70
C GLU F 21 -1.98 -5.08 -5.93
N ASN F 22 -2.94 -5.33 -5.03
CA ASN F 22 -2.99 -6.60 -4.29
C ASN F 22 -3.35 -7.78 -5.20
N GLU F 23 -4.26 -7.53 -6.13
CA GLU F 23 -4.69 -8.52 -7.12
C GLU F 23 -3.54 -8.92 -8.03
N ILE F 24 -2.76 -7.92 -8.45
CA ILE F 24 -1.57 -8.14 -9.28
C ILE F 24 -0.52 -8.94 -8.52
N ALA F 25 -0.40 -8.68 -7.22
CA ALA F 25 0.50 -9.44 -6.35
C ALA F 25 0.05 -10.89 -6.21
N ARG F 26 -1.26 -11.10 -6.16
CA ARG F 26 -1.84 -12.44 -6.05
C ARG F 26 -1.68 -13.22 -7.37
N ILE F 27 -1.91 -12.54 -8.49
CA ILE F 27 -1.71 -13.13 -9.82
C ILE F 27 -0.25 -13.50 -10.03
N LYS F 28 0.65 -12.58 -9.72
CA LYS F 28 2.09 -12.84 -9.86
C LYS F 28 2.57 -14.02 -9.02
N LYS F 29 1.99 -14.19 -7.83
CA LYS F 29 2.33 -15.32 -6.95
C LYS F 29 1.86 -16.64 -7.57
N LEU F 30 0.67 -16.64 -8.14
CA LEU F 30 0.12 -17.84 -8.77
C LEU F 30 0.86 -18.18 -10.05
N LEU F 31 1.19 -17.15 -10.83
CA LEU F 31 1.97 -17.31 -12.05
C LEU F 31 3.34 -17.90 -11.73
N GLN F 32 3.95 -17.44 -10.63
CA GLN F 32 5.24 -17.98 -10.20
C GLN F 32 5.15 -19.45 -9.80
N LEU F 33 4.04 -19.84 -9.18
CA LEU F 33 3.79 -21.24 -8.85
C LEU F 33 3.63 -22.12 -10.10
N THR F 34 2.95 -21.59 -11.12
CA THR F 34 2.79 -22.33 -12.38
C THR F 34 4.11 -22.51 -13.13
N VAL F 35 4.96 -21.48 -13.09
CA VAL F 35 6.30 -21.56 -13.65
C VAL F 35 7.08 -22.68 -12.96
N TRP F 36 7.00 -22.72 -11.62
CA TRP F 36 7.62 -23.77 -10.83
C TRP F 36 6.99 -25.13 -11.13
N GLY F 37 5.66 -25.14 -11.28
CA GLY F 37 4.94 -26.37 -11.64
C GLY F 37 5.44 -26.97 -12.94
N ILE F 38 5.55 -26.11 -13.96
CA ILE F 38 6.10 -26.49 -15.28
C ILE F 38 7.54 -27.00 -15.16
N LYS F 39 8.32 -26.31 -14.32
CA LYS F 39 9.70 -26.69 -14.08
C LYS F 39 9.83 -28.11 -13.51
N GLN F 40 8.94 -28.47 -12.60
CA GLN F 40 8.99 -29.81 -11.98
C GLN F 40 8.50 -30.88 -12.96
N LEU F 41 7.42 -30.59 -13.68
CA LEU F 41 6.90 -31.52 -14.68
C LEU F 41 7.97 -31.89 -15.70
N GLN F 42 8.68 -30.88 -16.19
CA GLN F 42 9.73 -31.09 -17.18
C GLN F 42 10.84 -31.97 -16.63
N ALA F 43 11.25 -31.68 -15.40
CA ALA F 43 12.31 -32.44 -14.71
C ALA F 43 11.99 -33.93 -14.63
N ARG F 44 10.74 -34.25 -14.37
CA ARG F 44 10.31 -35.64 -14.32
C ARG F 44 10.26 -36.26 -15.72
N ILE F 45 9.93 -35.44 -16.72
CA ILE F 45 9.81 -35.90 -18.10
C ILE F 45 11.17 -36.19 -18.75
N LEU F 46 12.10 -35.23 -18.63
CA LEU F 46 13.39 -35.33 -19.32
C LEU F 46 14.40 -36.20 -18.59
N GLY H 3 -24.98 3.59 14.94
CA GLY H 3 -23.65 4.24 14.72
C GLY H 3 -23.22 5.14 15.87
N GLY K 3 0.54 26.71 4.68
CA GLY K 3 1.05 27.02 6.04
C GLY K 3 0.29 28.10 6.74
#